data_6AI7
#
_entry.id   6AI7
#
_cell.length_a   138.576
_cell.length_b   138.576
_cell.length_c   107.889
_cell.angle_alpha   90.00
_cell.angle_beta   90.00
_cell.angle_gamma   90.00
#
_symmetry.space_group_name_H-M   'I 4 2 2'
#
loop_
_entity.id
_entity.type
_entity.pdbx_description
1 polymer '4-hydroxymandelate oxidase'
2 non-polymer 1-deoxy-1-[(4aS)-4a-hydroxy-7,8-dimethyl-2,4-dioxo-3,4,4a,5-tetrahydrobenzo[g]pteridin-10(2H)-yl]-5-O-phosphono-D-ribitol
3 water water
#
_entity_poly.entity_id   1
_entity_poly.type   'polypeptide(L)'
_entity_poly.pdbx_seq_one_letter_code
;GSHMTYVSLADLERAARDVLPGEIFDFLAGGSGTEASLVANRTALERVFVIPRMLRDLTDVTTEIDIFGRRAALPMAVAP
VAYQRLFHPEGELAVARAARDAGVPYTICTLSSVSLEEIAAVGGRPWFQLFWLRDEKRSLDLVRRAEDAGCEAIVFTVDV
PWMGRRLRDMRNGFALPEWVTAANFDAGTAAHRRTQGVSAVADHTAREFAPATWESVEAVRAHTDLPVVLKGILAVEDAR
RAVDAGAGGIVVSNHGGRQLDGAVPGIEMLGEIVAAVSGGCEVLVDGGIRSGGDVLKATALGASAVLVGRPVMWALAAAG
QDGVRQLLELLAEEVRDAMGLAGCESVGAARRLNTKLGVV
;
_entity_poly.pdbx_strand_id   A
#
# COMPACT_ATOMS: atom_id res chain seq x y z
N ALA A 10 12.10 -9.86 3.58
CA ALA A 10 13.23 -10.44 4.39
C ALA A 10 13.65 -11.74 3.75
N ASP A 11 14.92 -11.88 3.39
CA ASP A 11 15.43 -13.16 2.86
C ASP A 11 14.78 -13.54 1.56
N LEU A 12 13.61 -12.97 1.32
CA LEU A 12 12.79 -13.29 0.17
C LEU A 12 13.29 -12.63 -1.07
N GLU A 13 13.79 -11.40 -0.93
CA GLU A 13 14.26 -10.66 -2.08
C GLU A 13 15.37 -11.43 -2.74
N ARG A 14 16.21 -12.05 -1.92
CA ARG A 14 17.32 -12.83 -2.45
C ARG A 14 16.73 -13.91 -3.29
N ALA A 15 15.81 -14.65 -2.68
CA ALA A 15 15.17 -15.76 -3.35
C ALA A 15 14.40 -15.40 -4.61
N ALA A 16 14.04 -14.13 -4.80
CA ALA A 16 13.29 -13.72 -5.98
C ALA A 16 14.22 -13.24 -7.05
N ARG A 17 15.37 -12.69 -6.63
CA ARG A 17 16.37 -12.30 -7.61
C ARG A 17 16.84 -13.48 -8.42
N ASP A 18 17.23 -14.57 -7.75
CA ASP A 18 17.73 -15.71 -8.51
C ASP A 18 16.56 -16.59 -8.89
N VAL A 19 15.64 -16.00 -9.64
CA VAL A 19 14.52 -16.76 -10.18
C VAL A 19 13.73 -15.95 -11.21
N LEU A 20 13.73 -14.63 -11.08
CA LEU A 20 13.03 -13.79 -12.05
C LEU A 20 13.96 -13.33 -13.17
N PRO A 21 13.41 -13.15 -14.40
CA PRO A 21 14.28 -12.52 -15.37
C PRO A 21 14.73 -11.16 -14.86
N GLY A 22 15.99 -10.82 -15.15
CA GLY A 22 16.55 -9.54 -14.77
C GLY A 22 15.65 -8.35 -15.06
N GLU A 23 15.07 -8.33 -16.26
CA GLU A 23 14.19 -7.23 -16.66
C GLU A 23 12.86 -7.19 -15.88
N ILE A 24 12.34 -8.36 -15.49
CA ILE A 24 11.12 -8.41 -14.65
C ILE A 24 11.43 -7.92 -13.23
N PHE A 25 12.55 -8.38 -12.67
CA PHE A 25 12.99 -7.93 -11.41
C PHE A 25 13.18 -6.38 -11.45
N ASP A 26 13.73 -5.83 -12.54
CA ASP A 26 13.95 -4.37 -12.62
C ASP A 26 12.65 -3.62 -12.70
N PHE A 27 11.67 -4.16 -13.45
CA PHE A 27 10.33 -3.59 -13.49
C PHE A 27 9.76 -3.54 -12.06
N LEU A 28 10.09 -4.54 -11.25
CA LEU A 28 9.60 -4.63 -9.89
C LEU A 28 10.35 -3.68 -8.94
N ALA A 29 11.68 -3.73 -9.00
CA ALA A 29 12.49 -3.05 -8.03
C ALA A 29 12.58 -1.52 -8.31
N GLY A 30 12.31 -1.13 -9.57
CA GLY A 30 12.68 0.18 -10.10
C GLY A 30 11.94 1.41 -9.55
N GLY A 31 12.65 2.53 -9.56
CA GLY A 31 12.10 3.85 -9.38
C GLY A 31 12.17 4.71 -10.62
N SER A 32 11.87 5.99 -10.44
CA SER A 32 11.93 6.92 -11.56
C SER A 32 13.27 7.63 -11.50
N GLY A 33 13.74 8.09 -12.68
CA GLY A 33 14.97 8.86 -12.81
C GLY A 33 16.16 8.22 -12.11
N THR A 34 16.82 9.02 -11.30
CA THR A 34 17.95 8.58 -10.48
C THR A 34 17.56 7.71 -9.28
N GLU A 35 16.26 7.41 -9.12
CA GLU A 35 15.73 6.60 -7.98
C GLU A 35 15.99 7.27 -6.65
N ALA A 36 16.01 8.61 -6.69
CA ALA A 36 16.31 9.42 -5.49
C ALA A 36 15.22 9.15 -4.43
N SER A 37 13.96 9.17 -4.88
CA SER A 37 12.84 8.94 -3.99
C SER A 37 12.66 7.46 -3.56
N LEU A 38 13.07 6.49 -4.42
CA LEU A 38 13.11 5.07 -3.98
C LEU A 38 13.96 4.87 -2.71
N VAL A 39 15.17 5.36 -2.80
CA VAL A 39 16.11 5.21 -1.74
C VAL A 39 15.66 6.08 -0.55
N ALA A 40 15.06 7.24 -0.82
CA ALA A 40 14.78 8.11 0.31
C ALA A 40 13.66 7.48 1.16
N ASN A 41 12.77 6.71 0.57
CA ASN A 41 11.78 5.95 1.39
C ASN A 41 12.41 5.10 2.51
N ARG A 42 13.52 4.45 2.20
CA ARG A 42 14.25 3.69 3.21
C ARG A 42 15.01 4.50 4.16
N THR A 43 15.82 5.39 3.60
N THR A 43 15.82 5.43 3.66
CA THR A 43 16.60 6.31 4.40
CA THR A 43 16.61 6.23 4.58
C THR A 43 15.68 6.95 5.48
C THR A 43 15.72 7.07 5.51
N ALA A 44 14.55 7.47 5.05
CA ALA A 44 13.61 8.16 5.90
C ALA A 44 13.15 7.28 7.04
N LEU A 45 12.85 5.99 6.77
CA LEU A 45 12.44 5.11 7.82
C LEU A 45 13.50 4.78 8.83
N GLU A 46 14.73 4.62 8.35
CA GLU A 46 15.83 4.27 9.17
C GLU A 46 16.20 5.33 10.17
N ARG A 47 15.94 6.56 9.83
CA ARG A 47 16.14 7.74 10.70
CA ARG A 47 16.29 7.54 10.85
C ARG A 47 15.14 7.85 11.84
N VAL A 48 14.01 7.20 11.69
CA VAL A 48 12.94 7.28 12.75
C VAL A 48 13.24 6.30 13.88
N PHE A 49 13.37 6.80 15.11
CA PHE A 49 13.48 5.95 16.28
C PHE A 49 12.20 5.99 17.08
N VAL A 50 11.81 4.85 17.61
CA VAL A 50 10.65 4.78 18.43
C VAL A 50 11.05 4.94 19.86
N ILE A 51 10.23 5.61 20.62
CA ILE A 51 10.46 5.69 22.06
C ILE A 51 9.53 4.70 22.76
N PRO A 52 10.08 3.52 23.17
CA PRO A 52 9.13 2.53 23.67
C PRO A 52 8.64 2.85 25.04
N ARG A 53 7.47 2.33 25.40
CA ARG A 53 6.94 2.46 26.74
C ARG A 53 7.14 1.10 27.45
N MET A 54 7.26 1.17 28.76
CA MET A 54 7.49 -0.02 29.54
C MET A 54 6.42 -0.25 30.56
N LEU A 55 6.36 -1.51 31.01
CA LEU A 55 5.63 -1.89 32.19
C LEU A 55 4.12 -1.75 32.04
N ARG A 56 3.63 -1.79 30.83
CA ARG A 56 2.17 -1.82 30.68
C ARG A 56 1.69 -3.25 30.55
N ASP A 57 0.44 -3.45 30.91
CA ASP A 57 -0.29 -4.71 30.67
C ASP A 57 -0.36 -5.13 29.19
N LEU A 58 0.27 -6.23 28.88
CA LEU A 58 0.23 -6.76 27.55
C LEU A 58 -0.63 -8.04 27.54
N THR A 59 -1.50 -8.19 28.53
CA THR A 59 -2.17 -9.50 28.66
C THR A 59 -2.91 -9.91 27.36
N ASP A 60 -3.40 -8.93 26.60
CA ASP A 60 -4.16 -9.16 25.37
C ASP A 60 -3.65 -8.24 24.23
N VAL A 61 -2.42 -8.45 23.75
CA VAL A 61 -1.87 -7.69 22.64
C VAL A 61 -2.62 -8.11 21.38
N THR A 62 -3.18 -7.13 20.68
CA THR A 62 -3.86 -7.34 19.43
C THR A 62 -3.39 -6.33 18.40
N THR A 63 -3.15 -6.88 17.22
CA THR A 63 -2.74 -6.15 16.10
C THR A 63 -3.89 -5.74 15.18
N GLU A 64 -5.11 -5.95 15.60
CA GLU A 64 -6.23 -5.74 14.74
C GLU A 64 -6.60 -4.27 14.68
N ILE A 65 -7.18 -3.86 13.57
CA ILE A 65 -7.76 -2.53 13.48
C ILE A 65 -9.10 -2.63 12.76
N ASP A 66 -9.95 -1.63 12.91
CA ASP A 66 -11.14 -1.49 12.10
C ASP A 66 -10.85 -0.43 11.07
N ILE A 67 -11.08 -0.76 9.83
CA ILE A 67 -10.88 0.19 8.76
C ILE A 67 -11.91 -0.01 7.66
N PHE A 68 -12.48 1.11 7.21
CA PHE A 68 -13.49 1.11 6.12
C PHE A 68 -14.55 0.06 6.41
N GLY A 69 -15.05 0.03 7.63
CA GLY A 69 -16.07 -0.90 7.99
C GLY A 69 -15.62 -2.24 8.55
N ARG A 70 -14.53 -2.82 8.05
CA ARG A 70 -14.16 -4.17 8.43
C ARG A 70 -12.97 -4.23 9.39
N ARG A 71 -12.89 -5.36 10.05
CA ARG A 71 -11.77 -5.67 10.85
C ARG A 71 -10.67 -6.24 9.98
N ALA A 72 -9.45 -5.80 10.22
CA ALA A 72 -8.28 -6.35 9.57
C ALA A 72 -7.36 -6.95 10.65
N ALA A 73 -6.69 -8.03 10.32
CA ALA A 73 -5.84 -8.76 11.29
C ALA A 73 -4.62 -7.97 11.67
N LEU A 74 -4.13 -7.16 10.76
CA LEU A 74 -2.95 -6.31 10.97
C LEU A 74 -3.21 -4.89 10.43
N PRO A 75 -2.40 -3.93 10.86
CA PRO A 75 -2.60 -2.57 10.26
C PRO A 75 -1.86 -2.49 8.94
N MET A 76 -2.32 -3.30 7.97
CA MET A 76 -1.60 -3.49 6.73
CA MET A 76 -1.62 -3.48 6.71
C MET A 76 -2.56 -4.00 5.64
N ALA A 77 -2.29 -3.62 4.38
CA ALA A 77 -2.96 -4.15 3.27
C ALA A 77 -1.91 -4.37 2.22
N VAL A 78 -2.24 -5.28 1.31
CA VAL A 78 -1.39 -5.49 0.13
C VAL A 78 -1.59 -4.37 -0.84
N ALA A 79 -0.48 -3.83 -1.31
CA ALA A 79 -0.51 -2.65 -2.14
C ALA A 79 -0.88 -3.05 -3.54
N PRO A 80 -1.48 -2.13 -4.32
CA PRO A 80 -1.71 -2.50 -5.69
C PRO A 80 -0.43 -2.55 -6.47
N VAL A 81 -0.25 -3.66 -7.16
CA VAL A 81 0.89 -3.89 -8.05
C VAL A 81 0.35 -4.58 -9.29
N ALA A 82 0.57 -4.00 -10.45
CA ALA A 82 0.01 -4.55 -11.68
C ALA A 82 0.65 -5.85 -12.19
N TYR A 83 -0.14 -6.61 -12.93
CA TYR A 83 0.38 -7.77 -13.68
C TYR A 83 1.13 -8.72 -12.80
N GLN A 84 0.39 -9.31 -11.87
CA GLN A 84 1.01 -10.18 -10.89
C GLN A 84 1.46 -11.52 -11.50
N ARG A 85 0.85 -11.91 -12.62
CA ARG A 85 1.31 -13.05 -13.43
C ARG A 85 2.75 -12.87 -13.93
N LEU A 86 3.24 -11.63 -14.08
CA LEU A 86 4.65 -11.46 -14.32
C LEU A 86 5.54 -12.13 -13.31
N PHE A 87 5.06 -12.34 -12.08
CA PHE A 87 5.92 -12.89 -11.00
C PHE A 87 5.67 -14.36 -10.68
N HIS A 88 4.48 -14.85 -10.98
CA HIS A 88 4.12 -16.22 -10.68
C HIS A 88 2.87 -16.52 -11.48
N PRO A 89 2.70 -17.77 -11.94
CA PRO A 89 1.57 -18.10 -12.81
C PRO A 89 0.18 -17.96 -12.25
N GLU A 90 -0.02 -18.29 -10.98
CA GLU A 90 -1.29 -17.92 -10.32
C GLU A 90 -1.52 -16.39 -10.04
N GLY A 91 -0.43 -15.60 -10.08
CA GLY A 91 -0.48 -14.12 -10.01
C GLY A 91 -1.41 -13.63 -8.92
N GLU A 92 -2.47 -12.89 -9.29
CA GLU A 92 -3.26 -12.15 -8.28
C GLU A 92 -4.02 -13.10 -7.37
N LEU A 93 -4.36 -14.28 -7.89
CA LEU A 93 -5.23 -15.18 -7.15
C LEU A 93 -4.51 -15.77 -5.97
N ALA A 94 -3.27 -16.10 -6.17
CA ALA A 94 -2.49 -16.59 -5.13
C ALA A 94 -2.39 -15.48 -4.01
N VAL A 95 -2.08 -14.23 -4.41
CA VAL A 95 -1.80 -13.17 -3.39
C VAL A 95 -3.07 -12.94 -2.63
N ALA A 96 -4.16 -12.92 -3.37
CA ALA A 96 -5.47 -12.69 -2.82
C ALA A 96 -5.89 -13.71 -1.80
N ARG A 97 -5.66 -15.00 -2.17
CA ARG A 97 -5.98 -16.10 -1.19
C ARG A 97 -5.22 -15.98 0.13
N ALA A 98 -3.92 -15.83 0.03
CA ALA A 98 -3.08 -15.64 1.21
C ALA A 98 -3.50 -14.40 2.08
N ALA A 99 -3.77 -13.29 1.40
CA ALA A 99 -4.23 -12.07 2.08
C ALA A 99 -5.49 -12.35 2.80
N ARG A 100 -6.41 -13.04 2.11
CA ARG A 100 -7.70 -13.37 2.75
C ARG A 100 -7.48 -14.25 4.01
N ASP A 101 -6.62 -15.25 3.87
CA ASP A 101 -6.39 -16.22 4.96
C ASP A 101 -5.61 -15.51 6.07
N ALA A 102 -4.77 -14.51 5.76
CA ALA A 102 -4.12 -13.70 6.85
C ALA A 102 -5.03 -12.64 7.50
N GLY A 103 -6.19 -12.41 6.90
CA GLY A 103 -7.11 -11.39 7.38
C GLY A 103 -6.67 -9.91 7.01
N VAL A 104 -5.88 -9.77 5.95
CA VAL A 104 -5.25 -8.54 5.44
CA VAL A 104 -5.43 -8.46 5.51
C VAL A 104 -6.02 -8.12 4.16
N PRO A 105 -6.43 -6.83 4.02
CA PRO A 105 -6.96 -6.42 2.75
C PRO A 105 -5.99 -6.53 1.62
N TYR A 106 -6.57 -6.84 0.47
CA TYR A 106 -5.81 -7.02 -0.73
C TYR A 106 -6.37 -6.01 -1.76
N THR A 107 -5.51 -5.26 -2.36
CA THR A 107 -5.93 -4.23 -3.36
C THR A 107 -5.79 -4.73 -4.76
N ILE A 108 -6.94 -4.89 -5.39
CA ILE A 108 -6.98 -5.35 -6.81
C ILE A 108 -6.59 -4.17 -7.73
N CYS A 109 -5.60 -4.33 -8.60
CA CYS A 109 -5.26 -3.31 -9.61
CA CYS A 109 -5.23 -3.29 -9.56
C CYS A 109 -6.14 -3.25 -10.82
N THR A 110 -6.27 -2.03 -11.35
CA THR A 110 -6.87 -1.78 -12.62
C THR A 110 -6.16 -2.59 -13.70
N LEU A 111 -4.83 -2.68 -13.67
CA LEU A 111 -4.10 -3.52 -14.57
C LEU A 111 -3.72 -4.91 -14.00
N SER A 112 -4.68 -5.53 -13.37
CA SER A 112 -4.52 -6.89 -12.87
C SER A 112 -4.43 -7.86 -14.05
N SER A 113 -3.60 -8.87 -13.90
CA SER A 113 -3.49 -9.92 -14.93
C SER A 113 -4.50 -11.01 -14.75
N VAL A 114 -5.48 -10.84 -13.86
CA VAL A 114 -6.67 -11.67 -13.78
C VAL A 114 -7.77 -10.71 -13.49
N SER A 115 -8.96 -11.00 -13.96
CA SER A 115 -10.07 -10.06 -13.79
C SER A 115 -10.40 -9.78 -12.34
N LEU A 116 -11.00 -8.62 -12.09
CA LEU A 116 -11.23 -8.16 -10.72
C LEU A 116 -12.35 -8.99 -10.10
N GLU A 117 -13.35 -9.41 -10.89
CA GLU A 117 -14.44 -10.25 -10.38
C GLU A 117 -13.93 -11.60 -9.86
N GLU A 118 -12.96 -12.14 -10.56
CA GLU A 118 -12.37 -13.40 -10.16
C GLU A 118 -11.56 -13.21 -8.89
N ILE A 119 -10.74 -12.14 -8.84
CA ILE A 119 -9.96 -11.85 -7.66
C ILE A 119 -10.89 -11.68 -6.46
N ALA A 120 -11.96 -10.98 -6.62
CA ALA A 120 -12.89 -10.73 -5.53
C ALA A 120 -13.65 -11.93 -5.03
N ALA A 121 -13.98 -12.81 -5.96
CA ALA A 121 -14.55 -14.11 -5.65
C ALA A 121 -13.76 -14.88 -4.64
N VAL A 122 -12.45 -14.79 -4.71
CA VAL A 122 -11.60 -15.36 -3.66
C VAL A 122 -12.09 -15.00 -2.23
N GLY A 123 -12.80 -13.87 -2.09
CA GLY A 123 -13.42 -13.48 -0.80
C GLY A 123 -12.41 -12.58 -0.05
N GLY A 124 -12.48 -12.53 1.28
CA GLY A 124 -11.50 -11.74 2.10
C GLY A 124 -11.93 -10.29 2.02
N ARG A 125 -11.04 -9.33 1.97
CA ARG A 125 -11.55 -7.97 2.04
C ARG A 125 -10.91 -7.23 0.90
N PRO A 126 -11.54 -7.33 -0.27
CA PRO A 126 -10.80 -6.79 -1.36
C PRO A 126 -11.12 -5.31 -1.58
N TRP A 127 -10.09 -4.60 -1.96
CA TRP A 127 -10.14 -3.19 -2.37
C TRP A 127 -9.83 -3.17 -3.82
N PHE A 128 -10.29 -2.12 -4.51
CA PHE A 128 -9.97 -1.94 -5.88
C PHE A 128 -9.29 -0.60 -6.14
N GLN A 129 -8.13 -0.67 -6.78
CA GLN A 129 -7.38 0.47 -7.22
C GLN A 129 -7.80 0.89 -8.64
N LEU A 130 -8.30 2.10 -8.73
CA LEU A 130 -8.67 2.78 -9.98
C LEU A 130 -7.62 3.72 -10.56
N PHE A 131 -7.31 3.49 -11.83
CA PHE A 131 -6.72 4.53 -12.66
C PHE A 131 -7.77 5.18 -13.49
N TRP A 132 -7.71 6.51 -13.60
CA TRP A 132 -8.65 7.28 -14.37
C TRP A 132 -8.28 7.03 -15.83
N LEU A 133 -9.27 6.81 -16.67
CA LEU A 133 -8.96 6.52 -18.04
C LEU A 133 -9.47 7.67 -18.85
N ARG A 134 -8.84 7.95 -19.97
CA ARG A 134 -9.37 8.84 -21.01
C ARG A 134 -10.90 8.91 -21.01
N ASP A 135 -11.62 7.79 -21.03
CA ASP A 135 -13.09 7.88 -20.93
C ASP A 135 -13.70 7.81 -19.50
N GLU A 136 -14.24 8.92 -19.03
CA GLU A 136 -14.94 8.97 -17.74
C GLU A 136 -15.93 7.78 -17.53
N LYS A 137 -16.62 7.34 -18.57
CA LYS A 137 -17.58 6.24 -18.43
C LYS A 137 -16.87 4.92 -18.23
N ARG A 138 -15.74 4.69 -18.88
CA ARG A 138 -15.01 3.46 -18.63
C ARG A 138 -14.54 3.39 -17.16
N SER A 139 -14.24 4.57 -16.56
CA SER A 139 -13.68 4.58 -15.22
C SER A 139 -14.75 4.26 -14.27
N LEU A 140 -15.89 4.92 -14.45
CA LEU A 140 -16.97 4.73 -13.58
C LEU A 140 -17.58 3.32 -13.69
N ASP A 141 -17.48 2.70 -14.86
CA ASP A 141 -17.99 1.31 -15.06
C ASP A 141 -17.21 0.39 -14.14
N LEU A 142 -15.89 0.62 -14.18
CA LEU A 142 -14.89 -0.13 -13.51
C LEU A 142 -15.10 0.02 -12.03
N VAL A 143 -15.47 1.23 -11.61
CA VAL A 143 -15.85 1.42 -10.22
C VAL A 143 -17.10 0.57 -9.88
N ARG A 144 -18.13 0.69 -10.71
CA ARG A 144 -19.34 -0.11 -10.54
C ARG A 144 -19.03 -1.66 -10.54
N ARG A 145 -18.16 -2.14 -11.40
CA ARG A 145 -17.84 -3.56 -11.41
C ARG A 145 -17.29 -3.89 -10.04
N ALA A 146 -16.35 -3.03 -9.58
CA ALA A 146 -15.69 -3.30 -8.32
C ALA A 146 -16.71 -3.41 -7.26
N GLU A 147 -17.63 -2.49 -7.26
CA GLU A 147 -18.54 -2.50 -6.14
C GLU A 147 -19.54 -3.69 -6.26
N ASP A 148 -19.94 -3.99 -7.49
CA ASP A 148 -20.92 -5.09 -7.74
C ASP A 148 -20.28 -6.39 -7.29
N ALA A 149 -18.98 -6.49 -7.50
CA ALA A 149 -18.18 -7.60 -7.05
C ALA A 149 -17.86 -7.70 -5.56
N GLY A 150 -18.42 -6.84 -4.72
CA GLY A 150 -18.13 -6.86 -3.28
C GLY A 150 -16.79 -6.18 -2.81
N CYS A 151 -16.08 -5.47 -3.66
CA CYS A 151 -14.94 -4.66 -3.18
C CYS A 151 -15.36 -3.71 -2.06
N GLU A 152 -14.51 -3.47 -1.09
CA GLU A 152 -14.90 -2.64 0.08
C GLU A 152 -14.40 -1.19 0.03
N ALA A 153 -13.53 -0.87 -0.89
CA ALA A 153 -13.00 0.50 -0.97
C ALA A 153 -12.54 0.73 -2.36
N ILE A 154 -12.66 1.97 -2.85
CA ILE A 154 -12.00 2.34 -4.10
C ILE A 154 -10.71 3.14 -3.77
N VAL A 155 -9.56 2.66 -4.20
CA VAL A 155 -8.30 3.29 -3.94
C VAL A 155 -8.04 3.98 -5.23
N PHE A 156 -8.40 5.25 -5.25
CA PHE A 156 -8.16 6.09 -6.44
C PHE A 156 -6.71 6.57 -6.52
N THR A 157 -5.95 6.07 -7.44
CA THR A 157 -4.58 6.46 -7.54
C THR A 157 -4.54 7.79 -8.26
N VAL A 158 -3.98 8.80 -7.59
CA VAL A 158 -4.09 10.17 -7.99
C VAL A 158 -2.75 10.76 -8.30
N ASP A 159 -1.69 9.95 -8.25
CA ASP A 159 -0.35 10.46 -8.50
C ASP A 159 0.16 9.95 -9.88
N VAL A 160 -0.77 9.56 -10.71
CA VAL A 160 -0.39 9.08 -12.04
C VAL A 160 -1.29 9.79 -13.02
N PRO A 161 -1.05 11.13 -13.21
CA PRO A 161 -1.65 11.79 -14.37
C PRO A 161 -1.10 11.11 -15.64
N TRP A 162 0.14 10.60 -15.54
CA TRP A 162 0.78 9.65 -16.49
C TRP A 162 1.91 8.99 -15.72
N MET A 163 2.52 7.95 -16.32
CA MET A 163 3.57 7.19 -15.63
C MET A 163 4.87 7.99 -15.64
N GLY A 164 5.55 8.02 -14.51
CA GLY A 164 6.86 8.65 -14.47
C GLY A 164 7.81 7.93 -15.42
N ARG A 165 8.99 8.50 -15.60
CA ARG A 165 10.00 7.93 -16.51
C ARG A 165 10.87 6.87 -15.79
N ARG A 166 10.69 5.59 -16.13
CA ARG A 166 11.51 4.54 -15.51
C ARG A 166 12.75 4.37 -16.36
N LEU A 167 13.91 4.72 -15.84
CA LEU A 167 15.12 4.56 -16.64
C LEU A 167 15.52 3.09 -16.85
N ARG A 168 15.29 2.24 -15.86
CA ARG A 168 15.59 0.81 -15.98
C ARG A 168 14.85 0.24 -17.19
N ASP A 169 13.54 0.48 -17.23
CA ASP A 169 12.67 -0.05 -18.31
C ASP A 169 12.96 0.44 -19.75
N MET A 170 13.45 1.67 -19.88
CA MET A 170 13.86 2.22 -21.18
C MET A 170 15.15 1.53 -21.69
N ARG A 171 16.19 1.58 -20.85
CA ARG A 171 17.47 0.87 -21.07
C ARG A 171 17.39 -0.68 -21.11
N ASN A 172 16.38 -1.26 -20.46
CA ASN A 172 16.03 -2.68 -20.66
C ASN A 172 15.39 -2.93 -22.03
N GLY A 173 14.49 -2.03 -22.42
CA GLY A 173 13.57 -2.23 -23.52
C GLY A 173 12.39 -3.07 -23.06
N PHE A 174 12.15 -3.10 -21.74
CA PHE A 174 11.14 -3.98 -21.10
C PHE A 174 9.71 -3.81 -21.66
N ALA A 175 8.99 -4.92 -21.83
CA ALA A 175 7.63 -4.89 -22.38
C ALA A 175 6.86 -6.07 -21.87
N LEU A 176 5.53 -5.96 -21.88
CA LEU A 176 4.71 -7.05 -21.37
C LEU A 176 4.86 -8.22 -22.29
N PRO A 177 5.33 -9.37 -21.77
CA PRO A 177 5.30 -10.58 -22.59
C PRO A 177 3.86 -10.91 -22.97
N GLU A 178 3.68 -11.72 -24.01
CA GLU A 178 2.34 -11.95 -24.61
C GLU A 178 1.36 -12.72 -23.72
N TRP A 179 1.90 -13.48 -22.75
CA TRP A 179 1.11 -14.35 -21.83
C TRP A 179 0.63 -13.64 -20.55
N VAL A 180 0.99 -12.35 -20.40
CA VAL A 180 0.43 -11.45 -19.38
C VAL A 180 -0.39 -10.35 -20.04
N THR A 181 -1.65 -10.24 -19.66
CA THR A 181 -2.50 -9.14 -20.10
C THR A 181 -3.31 -8.43 -19.00
N ALA A 182 -3.98 -7.36 -19.43
CA ALA A 182 -4.88 -6.53 -18.67
C ALA A 182 -6.29 -7.07 -18.62
N ALA A 183 -6.46 -8.08 -17.80
CA ALA A 183 -7.71 -8.86 -17.78
C ALA A 183 -8.99 -8.09 -17.50
N ASN A 184 -8.88 -6.89 -16.94
CA ASN A 184 -10.09 -6.11 -16.77
C ASN A 184 -10.57 -5.44 -18.04
N PHE A 185 -9.74 -5.43 -19.09
CA PHE A 185 -10.11 -4.79 -20.39
C PHE A 185 -10.32 -5.73 -21.62
N ASP A 186 -11.15 -5.27 -22.55
CA ASP A 186 -11.64 -6.05 -23.69
C ASP A 186 -12.21 -5.18 -24.79
N PHE A 209 -5.38 5.84 -18.33
CA PHE A 209 -4.49 6.65 -19.17
C PHE A 209 -4.90 8.13 -19.30
N ALA A 210 -5.44 8.74 -18.25
CA ALA A 210 -5.78 10.17 -18.29
C ALA A 210 -5.61 10.77 -16.94
N PRO A 211 -5.32 12.11 -16.88
CA PRO A 211 -5.12 12.67 -15.55
C PRO A 211 -6.38 12.83 -14.71
N ALA A 212 -6.37 12.28 -13.53
CA ALA A 212 -7.43 12.53 -12.59
C ALA A 212 -7.36 14.00 -12.05
N THR A 213 -8.50 14.67 -11.93
CA THR A 213 -8.59 15.89 -11.18
C THR A 213 -9.47 15.77 -9.92
N TRP A 214 -9.64 16.85 -9.17
CA TRP A 214 -10.61 16.83 -8.11
C TRP A 214 -12.04 16.55 -8.63
N GLU A 215 -12.28 16.95 -9.88
CA GLU A 215 -13.54 16.65 -10.53
C GLU A 215 -13.68 15.13 -10.79
N SER A 216 -12.64 14.47 -11.22
CA SER A 216 -12.65 12.96 -11.27
C SER A 216 -13.00 12.31 -9.93
N VAL A 217 -12.39 12.82 -8.85
CA VAL A 217 -12.68 12.36 -7.49
C VAL A 217 -14.10 12.55 -7.18
N GLU A 218 -14.67 13.72 -7.47
CA GLU A 218 -16.08 13.92 -7.16
C GLU A 218 -16.99 12.99 -7.96
N ALA A 219 -16.63 12.71 -9.19
CA ALA A 219 -17.46 11.81 -10.04
C ALA A 219 -17.42 10.41 -9.43
N VAL A 220 -16.22 9.90 -9.10
CA VAL A 220 -16.12 8.62 -8.35
C VAL A 220 -16.98 8.72 -7.12
N ARG A 221 -16.82 9.76 -6.33
CA ARG A 221 -17.48 9.81 -5.03
C ARG A 221 -18.98 9.75 -5.25
N ALA A 222 -19.49 10.44 -6.28
CA ALA A 222 -20.92 10.44 -6.56
C ALA A 222 -21.50 9.09 -7.05
N HIS A 223 -20.65 8.26 -7.65
CA HIS A 223 -21.02 7.03 -8.30
C HIS A 223 -21.00 5.85 -7.36
N THR A 224 -20.54 6.01 -6.10
CA THR A 224 -20.37 4.84 -5.23
C THR A 224 -20.68 5.18 -3.84
N ASP A 225 -21.17 4.20 -3.11
CA ASP A 225 -21.29 4.39 -1.70
C ASP A 225 -20.04 3.79 -1.01
N LEU A 226 -19.07 3.27 -1.74
CA LEU A 226 -17.87 2.76 -1.07
C LEU A 226 -16.94 3.90 -0.61
N PRO A 227 -16.15 3.69 0.44
CA PRO A 227 -15.14 4.71 0.76
C PRO A 227 -14.12 4.87 -0.37
N VAL A 228 -13.79 6.12 -0.68
CA VAL A 228 -12.83 6.47 -1.64
C VAL A 228 -11.56 6.91 -0.93
N VAL A 229 -10.46 6.35 -1.38
CA VAL A 229 -9.21 6.45 -0.70
C VAL A 229 -8.28 6.99 -1.72
N LEU A 230 -7.67 8.15 -1.46
CA LEU A 230 -6.81 8.72 -2.47
C LEU A 230 -5.44 8.35 -2.27
N LYS A 231 -4.82 7.80 -3.29
CA LYS A 231 -3.49 7.27 -3.07
C LYS A 231 -2.47 8.03 -3.86
N GLY A 232 -1.41 8.46 -3.16
CA GLY A 232 -0.40 9.33 -3.72
C GLY A 232 -0.48 10.77 -3.22
N ILE A 233 -0.95 10.99 -1.99
CA ILE A 233 -1.07 12.36 -1.44
C ILE A 233 0.24 12.60 -0.70
N LEU A 234 0.91 13.72 -1.03
CA LEU A 234 2.07 14.15 -0.27
C LEU A 234 2.02 15.55 0.36
N ALA A 235 1.24 16.44 -0.21
CA ALA A 235 1.06 17.80 0.34
C ALA A 235 0.00 17.87 1.39
N VAL A 236 0.29 18.60 2.46
CA VAL A 236 -0.61 18.71 3.55
C VAL A 236 -1.93 19.29 3.07
N GLU A 237 -1.86 20.28 2.19
CA GLU A 237 -3.12 20.83 1.72
C GLU A 237 -3.97 19.87 0.82
N ASP A 238 -3.30 18.99 0.13
CA ASP A 238 -4.03 17.97 -0.65
C ASP A 238 -4.70 17.00 0.32
N ALA A 239 -4.04 16.63 1.43
CA ALA A 239 -4.69 15.88 2.45
C ALA A 239 -5.92 16.48 3.02
N ARG A 240 -5.88 17.76 3.38
N ARG A 240 -5.80 17.76 3.39
CA ARG A 240 -7.10 18.43 3.85
CA ARG A 240 -6.93 18.50 3.92
C ARG A 240 -8.12 18.50 2.80
C ARG A 240 -8.03 18.60 2.89
N ARG A 241 -7.71 18.91 1.64
CA ARG A 241 -8.72 18.96 0.58
C ARG A 241 -9.32 17.56 0.33
N ALA A 242 -8.52 16.49 0.46
CA ALA A 242 -9.11 15.12 0.30
C ALA A 242 -10.27 14.89 1.26
N VAL A 243 -10.06 15.27 2.53
CA VAL A 243 -11.10 15.16 3.51
C VAL A 243 -12.31 16.01 3.11
N ASP A 244 -12.06 17.28 2.73
CA ASP A 244 -13.18 18.13 2.37
C ASP A 244 -13.85 17.52 1.18
N ALA A 245 -13.12 16.94 0.25
CA ALA A 245 -13.79 16.27 -0.88
C ALA A 245 -14.56 14.98 -0.55
N GLY A 246 -14.61 14.56 0.71
CA GLY A 246 -15.37 13.37 1.10
C GLY A 246 -14.58 12.05 0.98
N ALA A 247 -13.25 12.07 0.77
CA ALA A 247 -12.47 10.85 0.82
C ALA A 247 -12.60 10.16 2.17
N GLY A 248 -12.71 8.83 2.17
CA GLY A 248 -12.63 8.10 3.45
C GLY A 248 -11.20 7.83 3.89
N GLY A 249 -10.26 7.98 2.97
CA GLY A 249 -8.93 7.75 3.32
C GLY A 249 -7.95 8.37 2.39
N ILE A 250 -6.69 8.48 2.82
CA ILE A 250 -5.60 8.72 1.90
C ILE A 250 -4.48 7.80 2.09
N VAL A 251 -3.67 7.65 1.08
CA VAL A 251 -2.42 6.97 1.20
C VAL A 251 -1.31 7.96 0.87
N VAL A 252 -0.53 8.25 1.90
CA VAL A 252 0.56 9.14 1.86
C VAL A 252 1.68 8.39 1.28
N SER A 253 2.00 8.72 0.03
CA SER A 253 2.82 7.85 -0.73
C SER A 253 3.51 8.56 -1.89
N ASN A 254 4.75 8.20 -2.24
CA ASN A 254 5.39 8.77 -3.45
C ASN A 254 5.47 7.65 -4.44
N HIS A 255 4.48 6.74 -4.36
CA HIS A 255 4.30 5.67 -5.32
C HIS A 255 5.59 4.83 -5.40
N GLY A 256 6.19 4.53 -4.27
CA GLY A 256 7.41 3.74 -4.25
C GLY A 256 8.63 4.34 -4.95
N GLY A 257 8.67 5.67 -5.11
CA GLY A 257 9.77 6.33 -5.85
C GLY A 257 9.67 6.14 -7.36
N ARG A 258 8.47 5.85 -7.83
CA ARG A 258 8.24 5.45 -9.26
C ARG A 258 7.63 6.60 -10.09
N GLN A 259 7.24 7.68 -9.41
CA GLN A 259 6.50 8.72 -10.10
C GLN A 259 7.47 9.89 -10.12
N LEU A 260 7.25 10.98 -9.39
CA LEU A 260 8.25 12.10 -9.45
C LEU A 260 9.55 11.67 -8.74
N ASP A 261 10.66 11.78 -9.48
CA ASP A 261 11.94 11.52 -8.89
C ASP A 261 12.32 12.83 -8.17
N GLY A 262 12.45 12.76 -6.86
CA GLY A 262 12.69 13.94 -6.05
C GLY A 262 11.51 14.31 -5.19
N ALA A 263 10.37 13.62 -5.36
CA ALA A 263 9.29 13.69 -4.47
C ALA A 263 9.74 13.29 -3.09
N VAL A 264 9.33 14.11 -2.14
CA VAL A 264 9.49 13.76 -0.72
C VAL A 264 8.97 12.37 -0.40
N PRO A 265 9.66 11.62 0.45
CA PRO A 265 9.01 10.41 0.95
C PRO A 265 7.77 10.62 1.74
N GLY A 266 6.84 9.70 1.62
CA GLY A 266 5.64 9.69 2.37
C GLY A 266 5.79 9.77 3.86
N ILE A 267 6.74 8.99 4.34
CA ILE A 267 7.01 8.91 5.77
CA ILE A 267 7.08 8.88 5.76
C ILE A 267 7.49 10.25 6.36
N GLU A 268 8.11 11.06 5.50
CA GLU A 268 8.51 12.44 5.88
C GLU A 268 7.35 13.38 6.03
N MET A 269 6.21 13.11 5.37
CA MET A 269 5.07 13.96 5.42
C MET A 269 3.95 13.51 6.31
N LEU A 270 4.07 12.27 6.79
CA LEU A 270 2.95 11.59 7.47
C LEU A 270 2.49 12.21 8.70
N GLY A 271 3.43 12.59 9.53
CA GLY A 271 3.12 13.19 10.78
C GLY A 271 2.37 14.51 10.60
N GLU A 272 2.86 15.35 9.72
N GLU A 272 2.86 15.35 9.71
CA GLU A 272 2.12 16.64 9.44
CA GLU A 272 2.16 16.64 9.46
C GLU A 272 0.74 16.41 8.86
C GLU A 272 0.77 16.46 8.82
N ILE A 273 0.67 15.50 7.92
CA ILE A 273 -0.63 15.14 7.32
C ILE A 273 -1.57 14.61 8.35
N VAL A 274 -1.10 13.70 9.26
CA VAL A 274 -2.00 13.21 10.33
C VAL A 274 -2.54 14.31 11.17
N ALA A 275 -1.68 15.20 11.60
CA ALA A 275 -2.19 16.30 12.39
C ALA A 275 -3.13 17.19 11.55
N ALA A 276 -2.86 17.44 10.29
CA ALA A 276 -3.84 18.37 9.51
C ALA A 276 -5.19 17.72 9.34
N VAL A 277 -5.23 16.37 9.08
N VAL A 277 -5.17 16.37 9.24
CA VAL A 277 -6.58 15.83 8.77
CA VAL A 277 -6.39 15.57 9.11
C VAL A 277 -7.48 15.68 9.97
C VAL A 277 -7.27 15.59 10.39
N SER A 278 -6.85 15.68 11.12
N SER A 278 -6.70 15.68 11.58
CA SER A 278 -7.49 15.60 12.43
CA SER A 278 -7.53 15.65 12.77
C SER A 278 -8.61 14.59 12.61
C SER A 278 -8.63 14.57 12.72
N GLY A 279 -8.26 13.34 12.30
CA GLY A 279 -9.17 12.20 12.34
C GLY A 279 -10.26 12.24 11.26
N GLY A 280 -10.13 13.11 10.27
CA GLY A 280 -11.20 13.26 9.27
C GLY A 280 -11.25 12.15 8.25
N CYS A 281 -10.16 11.43 8.07
CA CYS A 281 -10.15 10.24 7.25
C CYS A 281 -9.01 9.36 7.74
N GLU A 282 -8.99 8.14 7.29
CA GLU A 282 -7.91 7.22 7.59
C GLU A 282 -6.70 7.70 6.83
N VAL A 283 -5.54 7.55 7.43
CA VAL A 283 -4.28 7.90 6.78
C VAL A 283 -3.38 6.74 6.78
N LEU A 284 -3.13 6.24 5.59
CA LEU A 284 -2.22 5.17 5.36
C LEU A 284 -0.97 5.71 4.80
N VAL A 285 0.06 4.90 4.86
CA VAL A 285 1.36 5.27 4.30
C VAL A 285 1.93 4.09 3.62
N ASP A 286 2.73 4.29 2.61
CA ASP A 286 3.54 3.21 2.10
C ASP A 286 4.90 3.72 1.65
N GLY A 287 5.70 2.79 1.15
CA GLY A 287 7.04 3.07 0.69
C GLY A 287 8.07 2.54 1.66
N GLY A 288 8.64 1.40 1.31
CA GLY A 288 9.76 0.88 2.03
C GLY A 288 9.48 0.13 3.29
N ILE A 289 8.22 -0.22 3.54
CA ILE A 289 7.88 -0.92 4.74
C ILE A 289 8.44 -2.35 4.56
N ARG A 290 9.39 -2.74 5.42
CA ARG A 290 10.15 -4.01 5.27
C ARG A 290 10.18 -4.90 6.53
N SER A 291 9.35 -4.62 7.52
CA SER A 291 9.39 -5.33 8.78
C SER A 291 8.25 -4.80 9.62
N GLY A 292 7.96 -5.50 10.70
CA GLY A 292 7.04 -5.15 11.68
C GLY A 292 7.51 -3.95 12.47
N GLY A 293 8.80 -3.83 12.70
CA GLY A 293 9.38 -2.56 13.19
C GLY A 293 9.07 -1.30 12.37
N ASP A 294 9.04 -1.44 11.07
CA ASP A 294 8.74 -0.36 10.18
C ASP A 294 7.24 -0.04 10.27
N VAL A 295 6.39 -1.06 10.36
CA VAL A 295 4.96 -0.87 10.60
C VAL A 295 4.76 -0.09 11.89
N LEU A 296 5.46 -0.51 12.94
CA LEU A 296 5.44 0.18 14.22
C LEU A 296 5.89 1.62 14.06
N LYS A 297 6.97 1.88 13.33
CA LYS A 297 7.38 3.26 13.07
C LYS A 297 6.29 4.09 12.36
N ALA A 298 5.72 3.52 11.34
CA ALA A 298 4.62 4.16 10.61
C ALA A 298 3.43 4.48 11.49
N THR A 299 3.06 3.52 12.34
CA THR A 299 1.95 3.69 13.26
CA THR A 299 1.90 3.77 13.24
C THR A 299 2.23 4.80 14.30
N ALA A 300 3.46 4.79 14.84
CA ALA A 300 3.91 5.81 15.81
C ALA A 300 3.87 7.20 15.16
N LEU A 301 4.13 7.30 13.85
CA LEU A 301 4.04 8.60 13.14
C LEU A 301 2.64 9.03 12.83
N GLY A 302 1.72 8.13 13.09
CA GLY A 302 0.32 8.34 13.12
C GLY A 302 -0.45 7.55 12.03
N ALA A 303 0.18 6.72 11.21
CA ALA A 303 -0.58 5.99 10.22
C ALA A 303 -1.65 5.04 10.84
N SER A 304 -2.75 4.95 10.13
CA SER A 304 -3.83 4.06 10.51
C SER A 304 -3.39 2.65 10.06
N ALA A 305 -2.70 2.55 8.92
CA ALA A 305 -2.18 1.26 8.39
C ALA A 305 -1.14 1.53 7.31
N VAL A 306 -0.41 0.50 6.91
CA VAL A 306 0.55 0.58 5.85
C VAL A 306 0.10 -0.20 4.66
N LEU A 307 0.66 0.13 3.52
CA LEU A 307 0.57 -0.80 2.39
C LEU A 307 1.94 -1.39 2.20
N VAL A 308 1.97 -2.62 1.73
CA VAL A 308 3.22 -3.35 1.39
C VAL A 308 3.11 -3.85 -0.03
N GLY A 309 4.09 -3.44 -0.86
CA GLY A 309 4.12 -3.70 -2.27
C GLY A 309 5.20 -4.72 -2.67
N ARG A 310 6.41 -4.25 -2.92
CA ARG A 310 7.41 -5.14 -3.53
C ARG A 310 7.64 -6.41 -2.74
N PRO A 311 7.67 -6.33 -1.37
CA PRO A 311 7.84 -7.59 -0.65
C PRO A 311 6.84 -8.65 -0.92
N VAL A 312 5.61 -8.30 -1.28
CA VAL A 312 4.59 -9.32 -1.43
C VAL A 312 4.84 -9.99 -2.77
N MET A 313 5.38 -9.25 -3.71
CA MET A 313 5.75 -9.79 -5.00
C MET A 313 7.01 -10.69 -4.89
N TRP A 314 7.99 -10.29 -4.09
CA TRP A 314 9.15 -11.15 -3.84
C TRP A 314 8.67 -12.53 -3.33
N ALA A 315 7.70 -12.55 -2.40
CA ALA A 315 7.25 -13.80 -1.79
C ALA A 315 6.38 -14.65 -2.74
N LEU A 316 5.66 -13.97 -3.64
CA LEU A 316 4.87 -14.59 -4.68
C LEU A 316 5.79 -15.30 -5.66
N ALA A 317 6.79 -14.56 -6.14
CA ALA A 317 7.76 -15.09 -7.05
C ALA A 317 8.61 -16.16 -6.41
N ALA A 318 8.91 -16.04 -5.13
CA ALA A 318 9.75 -17.03 -4.50
C ALA A 318 9.00 -18.33 -4.32
N ALA A 319 7.69 -18.28 -4.05
CA ALA A 319 6.98 -19.50 -3.71
C ALA A 319 5.48 -19.40 -3.75
N GLY A 320 4.93 -18.61 -4.67
CA GLY A 320 3.48 -18.56 -4.88
C GLY A 320 2.70 -18.28 -3.60
N GLN A 321 1.47 -18.77 -3.56
CA GLN A 321 0.60 -18.52 -2.45
C GLN A 321 1.24 -18.82 -1.12
N ASP A 322 1.88 -19.98 -1.00
CA ASP A 322 2.39 -20.37 0.30
CA ASP A 322 2.38 -20.41 0.30
C ASP A 322 3.42 -19.38 0.80
N GLY A 323 4.20 -18.87 -0.16
CA GLY A 323 5.23 -17.89 0.03
C GLY A 323 4.65 -16.55 0.53
N VAL A 324 3.58 -16.06 -0.07
CA VAL A 324 2.87 -14.90 0.46
C VAL A 324 2.33 -15.21 1.86
N ARG A 325 1.77 -16.42 2.08
CA ARG A 325 1.20 -16.73 3.39
C ARG A 325 2.30 -16.57 4.46
N GLN A 326 3.54 -16.97 4.11
CA GLN A 326 4.63 -16.94 5.08
C GLN A 326 5.15 -15.53 5.32
N LEU A 327 5.27 -14.74 4.25
CA LEU A 327 5.54 -13.28 4.41
C LEU A 327 4.58 -12.73 5.43
N LEU A 328 3.30 -12.97 5.22
CA LEU A 328 2.28 -12.42 6.07
C LEU A 328 2.32 -12.90 7.48
N GLU A 329 2.64 -14.17 7.69
CA GLU A 329 2.86 -14.67 9.03
C GLU A 329 4.07 -14.07 9.69
N LEU A 330 5.16 -13.92 8.98
CA LEU A 330 6.35 -13.34 9.54
C LEU A 330 6.11 -11.84 9.93
N LEU A 331 5.44 -11.11 9.04
CA LEU A 331 5.11 -9.75 9.32
C LEU A 331 4.22 -9.66 10.53
N ALA A 332 3.20 -10.49 10.61
CA ALA A 332 2.32 -10.55 11.77
C ALA A 332 3.06 -10.81 13.06
N GLU A 333 4.06 -11.70 13.04
N GLU A 333 4.05 -11.72 12.99
CA GLU A 333 4.80 -11.93 14.28
CA GLU A 333 4.90 -12.02 14.13
C GLU A 333 5.71 -10.73 14.55
C GLU A 333 5.69 -10.79 14.53
N GLU A 334 6.33 -10.16 13.54
CA GLU A 334 7.17 -8.96 13.78
C GLU A 334 6.35 -7.80 14.33
N VAL A 335 5.14 -7.60 13.83
CA VAL A 335 4.31 -6.47 14.35
C VAL A 335 4.00 -6.73 15.76
N ARG A 336 3.60 -7.97 16.04
CA ARG A 336 3.19 -8.32 17.39
C ARG A 336 4.35 -8.14 18.39
N ASP A 337 5.52 -8.56 17.95
CA ASP A 337 6.71 -8.47 18.75
C ASP A 337 7.10 -7.00 18.99
N ALA A 338 7.15 -6.25 17.90
CA ALA A 338 7.49 -4.85 18.01
C ALA A 338 6.53 -4.17 18.93
N MET A 339 5.23 -4.39 18.76
CA MET A 339 4.25 -3.72 19.59
C MET A 339 4.45 -3.98 21.06
N GLY A 340 4.68 -5.26 21.39
CA GLY A 340 4.83 -5.66 22.80
C GLY A 340 6.07 -5.07 23.39
N LEU A 341 7.15 -5.10 22.66
CA LEU A 341 8.36 -4.50 23.18
C LEU A 341 8.24 -2.98 23.38
N ALA A 342 7.35 -2.32 22.60
CA ALA A 342 7.10 -0.92 22.74
C ALA A 342 6.04 -0.64 23.74
N GLY A 343 5.50 -1.66 24.41
CA GLY A 343 4.44 -1.41 25.43
C GLY A 343 3.07 -1.03 24.89
N CYS A 344 2.77 -1.51 23.71
CA CYS A 344 1.46 -1.29 23.11
C CYS A 344 0.64 -2.60 23.01
N GLU A 345 -0.50 -2.56 23.64
CA GLU A 345 -1.44 -3.66 23.63
CA GLU A 345 -1.44 -3.65 23.62
C GLU A 345 -2.34 -3.56 22.40
N SER A 346 -2.39 -2.36 21.74
CA SER A 346 -3.24 -2.14 20.58
C SER A 346 -2.58 -1.20 19.59
N VAL A 347 -2.99 -1.28 18.33
CA VAL A 347 -2.50 -0.31 17.33
C VAL A 347 -2.74 1.16 17.82
N GLY A 348 -3.87 1.43 18.44
CA GLY A 348 -4.23 2.76 18.93
C GLY A 348 -3.11 3.22 19.87
N ALA A 349 -2.61 2.32 20.73
CA ALA A 349 -1.51 2.63 21.65
C ALA A 349 -0.23 2.92 20.89
N ALA A 350 0.02 2.13 19.87
CA ALA A 350 1.16 2.33 19.05
C ALA A 350 1.12 3.71 18.34
N ARG A 351 -0.08 4.20 17.98
CA ARG A 351 -0.17 5.50 17.40
C ARG A 351 0.16 6.59 18.41
N ARG A 352 0.05 6.36 19.73
CA ARG A 352 0.40 7.39 20.62
C ARG A 352 1.84 7.36 21.04
N LEU A 353 2.64 6.42 20.54
CA LEU A 353 4.09 6.41 20.88
C LEU A 353 4.73 7.66 20.30
N ASN A 354 5.80 8.13 20.96
CA ASN A 354 6.59 9.20 20.41
C ASN A 354 7.73 8.66 19.66
N THR A 355 8.24 9.46 18.78
CA THR A 355 9.43 9.15 18.04
C THR A 355 10.48 10.23 18.19
N LYS A 356 11.68 9.90 17.76
CA LYS A 356 12.82 10.81 17.74
CA LYS A 356 12.78 10.83 17.71
C LYS A 356 13.59 10.55 16.44
N LEU A 357 13.84 11.57 15.65
CA LEU A 357 14.71 11.47 14.46
C LEU A 357 16.19 11.40 14.87
N GLY A 358 16.96 10.56 14.19
CA GLY A 358 18.32 10.21 14.64
C GLY A 358 19.24 10.27 13.44
N VAL A 359 20.53 9.99 13.62
CA VAL A 359 21.49 10.06 12.49
C VAL A 359 21.78 8.66 11.91
N VAL A 360 21.73 8.61 10.58
CA VAL A 360 21.82 7.39 9.73
C VAL A 360 20.96 6.19 10.21
#